data_6ZMV
#
_entry.id   6ZMV
#
_cell.length_a   39.398
_cell.length_b   48.582
_cell.length_c   55.737
_cell.angle_alpha   97.076
_cell.angle_beta   99.531
_cell.angle_gamma   98.150
#
_symmetry.space_group_name_H-M   'P 1'
#
loop_
_entity.id
_entity.type
_entity.pdbx_description
1 polymer muramidase
2 non-polymer GLYCEROL
3 non-polymer 'SULFATE ION'
4 water water
#
_entity_poly.entity_id   1
_entity_poly.type   'polypeptide(L)'
_entity_poly.pdbx_seq_one_letter_code
;AVPGFDISHYQPSVNYAGAYNSGARFVIIKATEGTTYTDPVFSTHYTGATKAGLIRGGYHFARPASSSGSAQADFFFKNG
GGWSADGITLPGMLDMEYGSTSSCHGLSQTAMVNWISDFVNRYKTLSGRYPMIYTGYYWWVECTGNSNKFATTCPLVLAR
YSSSVGEIPGGWGYQTIWQFNDKYAYGGDSDSFNGSLDRLKALAKGT
;
_entity_poly.pdbx_strand_id   A,B
#
# COMPACT_ATOMS: atom_id res chain seq x y z
N ALA A 1 26.23 21.38 -0.92
CA ALA A 1 25.34 20.36 -1.33
C ALA A 1 24.67 19.75 -0.09
N VAL A 2 23.53 19.15 -0.26
CA VAL A 2 22.81 18.50 0.86
C VAL A 2 22.55 17.05 0.48
N PRO A 3 22.89 16.10 1.37
CA PRO A 3 22.63 14.69 1.05
C PRO A 3 21.19 14.29 1.20
N GLY A 4 20.79 13.37 0.33
CA GLY A 4 19.51 12.70 0.45
C GLY A 4 19.53 11.40 -0.26
N PHE A 5 18.37 10.80 -0.46
CA PHE A 5 18.27 9.47 -1.05
C PHE A 5 16.87 9.25 -1.58
N ASP A 6 16.68 8.16 -2.28
CA ASP A 6 15.34 7.83 -2.77
C ASP A 6 15.10 6.31 -2.59
N ILE A 7 13.87 5.96 -2.29
CA ILE A 7 13.48 4.59 -1.87
C ILE A 7 12.09 4.26 -2.42
N SER A 8 11.76 3.00 -2.31
CA SER A 8 10.51 2.40 -2.79
C SER A 8 10.25 1.13 -1.99
N HIS A 9 9.29 0.36 -2.46
CA HIS A 9 9.03 -0.94 -1.85
C HIS A 9 10.22 -1.88 -1.99
N TYR A 10 11.18 -1.61 -2.85
CA TYR A 10 12.43 -2.41 -2.91
C TYR A 10 13.23 -2.31 -1.59
N GLN A 11 12.93 -1.32 -0.78
CA GLN A 11 13.48 -1.15 0.61
C GLN A 11 12.31 -1.33 1.59
N PRO A 12 11.94 -2.56 1.98
CA PRO A 12 10.77 -2.71 2.86
C PRO A 12 10.95 -2.11 4.26
N SER A 13 12.20 -1.99 4.70
CA SER A 13 12.59 -1.46 6.02
C SER A 13 13.71 -0.47 5.79
N VAL A 14 13.58 0.70 6.37
CA VAL A 14 14.61 1.77 6.31
C VAL A 14 14.79 2.39 7.71
N ASN A 15 16.01 2.61 8.14
CA ASN A 15 16.29 3.33 9.40
C ASN A 15 16.37 4.81 9.09
N TYR A 16 15.22 5.45 9.10
CA TYR A 16 15.08 6.85 8.68
C TYR A 16 15.96 7.74 9.58
N ALA A 17 15.88 7.47 10.88
CA ALA A 17 16.63 8.26 11.88
C ALA A 17 18.13 8.10 11.69
N GLY A 18 18.55 6.88 11.38
CA GLY A 18 19.98 6.65 11.10
C GLY A 18 20.40 7.43 9.87
N ALA A 19 19.57 7.45 8.84
CA ALA A 19 19.87 8.23 7.63
C ALA A 19 20.03 9.71 8.01
N TYR A 20 19.08 10.28 8.75
CA TYR A 20 19.16 11.69 9.19
C TYR A 20 20.48 11.88 10.00
N ASN A 21 20.74 11.00 10.93
CA ASN A 21 21.88 11.23 11.83
C ASN A 21 23.16 11.18 11.01
N SER A 22 23.21 10.40 9.93
CA SER A 22 24.38 10.29 9.03
C SER A 22 24.51 11.48 8.08
N GLY A 23 23.50 12.34 8.03
CA GLY A 23 23.59 13.60 7.26
C GLY A 23 22.50 13.74 6.22
N ALA A 24 21.69 12.72 5.98
CA ALA A 24 20.61 12.87 5.00
C ALA A 24 19.66 13.94 5.50
N ARG A 25 19.17 14.79 4.59
CA ARG A 25 18.17 15.79 4.91
C ARG A 25 16.88 15.64 4.10
N PHE A 26 16.87 14.84 3.04
CA PHE A 26 15.64 14.66 2.28
C PHE A 26 15.59 13.24 1.75
N VAL A 27 14.38 12.81 1.45
CA VAL A 27 14.15 11.50 0.81
C VAL A 27 12.99 11.64 -0.16
N ILE A 28 13.15 10.98 -1.29
CA ILE A 28 12.10 10.94 -2.32
C ILE A 28 11.61 9.49 -2.38
N ILE A 29 10.29 9.32 -2.28
CA ILE A 29 9.64 8.02 -2.00
C ILE A 29 8.67 7.61 -3.09
N LYS A 30 8.85 6.40 -3.63
CA LYS A 30 7.93 6.00 -4.70
C LYS A 30 6.50 5.97 -4.14
N ALA A 31 5.60 6.62 -4.88
CA ALA A 31 4.17 6.59 -4.59
C ALA A 31 3.40 5.70 -5.53
N THR A 32 3.59 5.88 -6.82
CA THR A 32 2.73 5.30 -7.83
C THR A 32 3.54 4.89 -9.07
N GLU A 33 2.94 4.05 -9.91
CA GLU A 33 3.44 3.70 -11.24
C GLU A 33 2.26 3.46 -12.17
N GLY A 34 2.35 4.07 -13.35
CA GLY A 34 1.24 3.92 -14.30
C GLY A 34 -0.08 4.39 -13.75
N THR A 35 -1.15 3.66 -14.13
CA THR A 35 -2.55 4.01 -13.80
C THR A 35 -3.03 3.28 -12.53
N THR A 36 -2.37 2.18 -12.16
CA THR A 36 -3.01 1.19 -11.24
C THR A 36 -2.14 0.82 -10.06
N TYR A 37 -0.87 1.14 -10.05
CA TYR A 37 0.01 0.62 -8.99
C TYR A 37 0.30 1.70 -7.96
N THR A 38 -0.02 1.36 -6.72
CA THR A 38 0.46 2.15 -5.57
C THR A 38 1.55 1.36 -4.85
N ASP A 39 2.62 2.03 -4.51
CA ASP A 39 3.75 1.38 -3.82
C ASP A 39 3.28 1.06 -2.41
N PRO A 40 3.35 -0.23 -1.97
CA PRO A 40 2.77 -0.58 -0.67
C PRO A 40 3.50 -0.04 0.54
N VAL A 41 4.70 0.43 0.34
CA VAL A 41 5.53 0.93 1.46
C VAL A 41 5.50 2.46 1.52
N PHE A 42 4.80 3.11 0.59
CA PHE A 42 4.82 4.60 0.54
C PHE A 42 4.50 5.18 1.90
N SER A 43 3.37 4.79 2.50
CA SER A 43 2.91 5.44 3.74
C SER A 43 3.91 5.14 4.86
N THR A 44 4.44 3.93 4.91
CA THR A 44 5.45 3.57 5.93
C THR A 44 6.66 4.50 5.80
N HIS A 45 7.16 4.67 4.61
CA HIS A 45 8.33 5.51 4.37
C HIS A 45 8.01 6.96 4.64
N TYR A 46 6.88 7.45 4.18
CA TYR A 46 6.54 8.88 4.35
C TYR A 46 6.35 9.25 5.80
N THR A 47 5.72 8.36 6.58
CA THR A 47 5.53 8.58 8.04
C THR A 47 6.87 8.53 8.73
N GLY A 48 7.69 7.52 8.46
CA GLY A 48 8.98 7.38 9.12
C GLY A 48 9.88 8.54 8.81
N ALA A 49 9.87 8.98 7.55
CA ALA A 49 10.69 10.11 7.13
C ALA A 49 10.25 11.36 7.88
N THR A 50 8.97 11.57 8.00
CA THR A 50 8.44 12.76 8.68
C THR A 50 8.95 12.80 10.12
N LYS A 51 8.79 11.71 10.84
CA LYS A 51 9.13 11.67 12.26
C LYS A 51 10.62 11.81 12.48
N ALA A 52 11.44 11.41 11.51
CA ALA A 52 12.91 11.50 11.61
C ALA A 52 13.41 12.88 11.27
N GLY A 53 12.56 13.78 10.78
CA GLY A 53 12.94 15.15 10.43
C GLY A 53 13.49 15.25 9.02
N LEU A 54 13.25 14.28 8.16
CA LEU A 54 13.62 14.40 6.72
C LEU A 54 12.58 15.19 5.98
N ILE A 55 13.02 16.07 5.10
CA ILE A 55 12.12 16.68 4.10
C ILE A 55 11.79 15.54 3.13
N ARG A 56 10.60 15.49 2.57
CA ARG A 56 10.23 14.28 1.79
C ARG A 56 9.19 14.65 0.73
N GLY A 57 9.23 13.88 -0.34
CA GLY A 57 8.20 13.94 -1.36
C GLY A 57 8.01 12.60 -1.98
N GLY A 58 6.98 12.50 -2.81
CA GLY A 58 6.71 11.28 -3.55
C GLY A 58 7.19 11.37 -5.01
N TYR A 59 7.29 10.20 -5.65
CA TYR A 59 7.55 10.14 -7.10
C TYR A 59 6.59 9.17 -7.79
N HIS A 60 6.39 9.47 -9.07
CA HIS A 60 5.57 8.68 -9.98
C HIS A 60 6.41 8.08 -11.09
N PHE A 61 6.42 6.75 -11.17
CA PHE A 61 7.07 6.05 -12.29
C PHE A 61 6.16 6.10 -13.52
N ALA A 62 6.50 6.92 -14.48
CA ALA A 62 5.66 7.17 -15.67
C ALA A 62 5.59 5.90 -16.50
N ARG A 63 4.39 5.64 -17.03
CA ARG A 63 4.18 4.61 -18.08
C ARG A 63 3.43 5.25 -19.23
N PRO A 64 4.10 6.03 -20.08
CA PRO A 64 3.37 6.84 -21.05
C PRO A 64 2.54 6.06 -22.07
N ALA A 65 2.84 4.79 -22.31
CA ALA A 65 2.03 4.01 -23.26
C ALA A 65 0.71 3.59 -22.63
N SER A 66 0.52 3.71 -21.32
CA SER A 66 -0.59 3.06 -20.62
C SER A 66 -1.81 4.01 -20.50
N SER A 67 -1.61 5.32 -20.51
CA SER A 67 -2.70 6.30 -20.29
C SER A 67 -2.15 7.68 -20.64
N SER A 68 -3.02 8.66 -20.59
CA SER A 68 -2.60 10.07 -20.75
C SER A 68 -1.72 10.52 -19.57
N GLY A 69 -0.99 11.60 -19.79
CA GLY A 69 -0.23 12.20 -18.68
C GLY A 69 -1.11 12.76 -17.65
N SER A 70 -2.26 13.33 -18.02
N SER A 70 -2.26 13.34 -18.06
N SER A 70 -2.25 13.33 -18.07
CA SER A 70 -3.14 13.91 -17.00
CA SER A 70 -3.24 13.91 -17.11
CA SER A 70 -3.23 13.89 -17.10
C SER A 70 -3.71 12.81 -16.12
C SER A 70 -3.72 12.81 -16.14
C SER A 70 -3.70 12.80 -16.15
N ALA A 71 -4.05 11.65 -16.68
CA ALA A 71 -4.61 10.56 -15.86
C ALA A 71 -3.57 10.11 -14.83
N GLN A 72 -2.31 10.02 -15.23
CA GLN A 72 -1.26 9.60 -14.28
C GLN A 72 -0.95 10.70 -13.26
N ALA A 73 -1.03 11.96 -13.63
CA ALA A 73 -0.88 13.02 -12.63
C ALA A 73 -2.01 12.97 -11.61
N ASP A 74 -3.24 12.68 -12.04
CA ASP A 74 -4.37 12.60 -11.08
C ASP A 74 -4.11 11.45 -10.11
N PHE A 75 -3.69 10.30 -10.65
CA PHE A 75 -3.46 9.09 -9.84
C PHE A 75 -2.34 9.32 -8.83
N PHE A 76 -1.24 9.88 -9.28
CA PHE A 76 -0.11 10.25 -8.40
C PHE A 76 -0.57 11.17 -7.27
N PHE A 77 -1.26 12.24 -7.68
CA PHE A 77 -1.64 13.29 -6.74
C PHE A 77 -2.53 12.72 -5.64
N LYS A 78 -3.43 11.82 -6.02
CA LYS A 78 -4.42 11.23 -5.08
C LYS A 78 -3.75 10.22 -4.15
N ASN A 79 -2.54 9.74 -4.48
CA ASN A 79 -1.94 8.56 -3.80
C ASN A 79 -0.54 8.86 -3.30
N GLY A 80 -0.26 10.09 -2.90
CA GLY A 80 1.02 10.39 -2.26
C GLY A 80 1.75 11.57 -2.87
N GLY A 81 1.29 12.09 -4.00
CA GLY A 81 1.92 13.23 -4.66
C GLY A 81 1.43 14.58 -4.22
N GLY A 82 0.67 14.67 -3.17
CA GLY A 82 0.13 15.95 -2.71
C GLY A 82 1.29 16.85 -2.27
N TRP A 83 1.06 18.14 -2.30
CA TRP A 83 2.05 19.13 -1.85
C TRP A 83 1.33 20.24 -1.14
N SER A 84 1.93 20.65 -0.02
CA SER A 84 1.56 21.87 0.70
C SER A 84 2.82 22.61 1.11
N ALA A 85 2.65 23.88 1.44
CA ALA A 85 3.77 24.74 1.88
C ALA A 85 4.03 24.54 3.37
N ASP A 86 3.96 23.34 3.88
CA ASP A 86 4.21 23.06 5.31
C ASP A 86 5.69 23.21 5.66
N GLY A 87 6.56 23.21 4.67
CA GLY A 87 8.00 23.36 4.88
C GLY A 87 8.81 22.09 4.84
N ILE A 88 8.14 20.95 4.76
CA ILE A 88 8.84 19.66 4.80
C ILE A 88 8.42 18.80 3.61
N THR A 89 7.81 19.36 2.59
CA THR A 89 7.31 18.60 1.46
C THR A 89 7.94 19.07 0.14
N LEU A 90 8.62 18.14 -0.55
CA LEU A 90 9.12 18.42 -1.88
C LEU A 90 7.98 18.40 -2.88
N PRO A 91 8.06 19.18 -3.95
CA PRO A 91 7.12 18.98 -5.04
C PRO A 91 7.28 17.54 -5.53
N GLY A 92 6.18 16.95 -5.97
CA GLY A 92 6.23 15.58 -6.47
C GLY A 92 7.16 15.47 -7.67
N MET A 93 7.75 14.30 -7.85
CA MET A 93 8.74 14.04 -8.93
C MET A 93 8.17 13.07 -9.97
N LEU A 94 8.21 13.49 -11.22
CA LEU A 94 7.89 12.66 -12.39
C LEU A 94 9.10 11.88 -12.82
N ASP A 95 9.08 10.56 -12.68
N ASP A 95 9.07 10.57 -12.70
CA ASP A 95 10.23 9.68 -12.93
CA ASP A 95 10.22 9.68 -12.94
C ASP A 95 10.16 9.10 -14.34
C ASP A 95 10.16 9.10 -14.35
N MET A 96 10.98 9.62 -15.25
CA MET A 96 11.06 9.14 -16.63
C MET A 96 12.20 8.12 -16.72
N GLU A 97 11.86 6.93 -17.19
CA GLU A 97 12.74 5.75 -17.16
C GLU A 97 12.72 5.11 -18.54
N TYR A 98 13.74 4.35 -18.87
CA TYR A 98 13.67 3.49 -20.05
C TYR A 98 12.48 2.53 -19.90
N GLY A 99 11.77 2.31 -21.01
CA GLY A 99 10.58 1.43 -21.06
C GLY A 99 10.95 -0.04 -20.91
N SER A 100 9.92 -0.88 -20.69
CA SER A 100 10.03 -2.34 -20.57
C SER A 100 10.54 -2.95 -21.88
N THR A 101 10.13 -2.40 -23.03
CA THR A 101 10.37 -3.00 -24.37
C THR A 101 11.12 -2.06 -25.29
N SER A 102 11.20 -0.78 -24.98
CA SER A 102 11.88 0.22 -25.82
C SER A 102 12.09 1.46 -24.98
N SER A 103 13.11 2.18 -25.36
CA SER A 103 13.62 3.26 -24.50
C SER A 103 12.51 4.28 -24.24
N CYS A 104 11.81 4.67 -25.30
CA CYS A 104 10.86 5.79 -25.23
C CYS A 104 9.40 5.33 -25.18
N HIS A 105 9.18 4.07 -24.81
CA HIS A 105 7.81 3.54 -24.55
C HIS A 105 6.92 3.57 -25.80
N GLY A 106 7.52 3.62 -26.98
CA GLY A 106 6.80 3.61 -28.24
C GLY A 106 6.30 4.96 -28.68
N LEU A 107 6.62 6.02 -27.94
CA LEU A 107 6.15 7.37 -28.31
C LEU A 107 7.21 8.07 -29.18
N SER A 108 6.74 8.88 -30.11
CA SER A 108 7.60 9.84 -30.81
C SER A 108 8.11 10.90 -29.83
N GLN A 109 9.12 11.65 -30.25
CA GLN A 109 9.63 12.73 -29.37
C GLN A 109 8.50 13.74 -29.12
N THR A 110 7.74 14.13 -30.13
N THR A 110 7.74 14.13 -30.15
CA THR A 110 6.68 15.15 -29.91
CA THR A 110 6.64 15.12 -29.99
C THR A 110 5.59 14.54 -29.02
C THR A 110 5.59 14.54 -29.03
N ALA A 111 5.19 13.29 -29.22
CA ALA A 111 4.20 12.63 -28.35
C ALA A 111 4.71 12.57 -26.91
N MET A 112 6.00 12.29 -26.73
CA MET A 112 6.54 12.23 -25.35
C MET A 112 6.49 13.63 -24.72
N VAL A 113 6.91 14.66 -25.44
CA VAL A 113 6.84 16.01 -24.88
C VAL A 113 5.40 16.35 -24.55
N ASN A 114 4.47 16.02 -25.42
CA ASN A 114 3.04 16.31 -25.14
C ASN A 114 2.57 15.56 -23.88
N TRP A 115 2.99 14.32 -23.73
CA TRP A 115 2.57 13.48 -22.59
C TRP A 115 3.13 14.10 -21.30
N ILE A 116 4.41 14.46 -21.30
CA ILE A 116 5.01 15.09 -20.10
C ILE A 116 4.31 16.42 -19.82
N SER A 117 4.02 17.20 -20.85
N SER A 117 4.02 17.21 -20.84
CA SER A 117 3.33 18.51 -20.68
CA SER A 117 3.30 18.49 -20.66
C SER A 117 2.01 18.29 -19.94
C SER A 117 1.94 18.24 -20.01
N ASP A 118 1.28 17.29 -20.39
N ASP A 118 1.23 17.21 -20.45
CA ASP A 118 -0.05 17.04 -19.77
CA ASP A 118 -0.08 16.84 -19.87
C ASP A 118 0.14 16.62 -18.32
C ASP A 118 0.11 16.56 -18.37
N PHE A 119 1.10 15.77 -18.02
CA PHE A 119 1.38 15.40 -16.62
C PHE A 119 1.73 16.65 -15.83
N VAL A 120 2.70 17.40 -16.34
N VAL A 120 2.70 17.42 -16.31
CA VAL A 120 3.28 18.55 -15.61
CA VAL A 120 3.19 18.50 -15.41
C VAL A 120 2.21 19.61 -15.30
C VAL A 120 2.19 19.64 -15.27
N ASN A 121 1.41 19.94 -16.29
CA ASN A 121 0.40 20.99 -16.14
C ASN A 121 -0.73 20.47 -15.28
N ARG A 122 -1.15 19.21 -15.42
CA ARG A 122 -2.18 18.68 -14.51
CA ARG A 122 -2.19 18.69 -14.51
C ARG A 122 -1.68 18.73 -13.06
N TYR A 123 -0.44 18.33 -12.82
CA TYR A 123 0.11 18.38 -11.45
C TYR A 123 0.14 19.82 -10.92
N LYS A 124 0.49 20.78 -11.76
CA LYS A 124 0.49 22.18 -11.38
C LYS A 124 -0.89 22.64 -10.93
N THR A 125 -1.95 22.34 -11.69
CA THR A 125 -3.27 22.82 -11.25
C THR A 125 -3.69 22.10 -9.99
N LEU A 126 -3.36 20.82 -9.82
CA LEU A 126 -3.84 20.07 -8.63
C LEU A 126 -3.09 20.54 -7.37
N SER A 127 -1.77 20.73 -7.47
CA SER A 127 -0.91 20.98 -6.28
C SER A 127 -0.65 22.47 -6.05
N GLY A 128 -0.70 23.28 -7.11
CA GLY A 128 -0.22 24.66 -7.06
C GLY A 128 1.13 24.89 -7.60
N ARG A 129 1.91 23.85 -7.86
CA ARG A 129 3.27 24.03 -8.34
C ARG A 129 3.65 22.94 -9.31
N TYR A 130 4.65 23.26 -10.09
CA TYR A 130 5.20 22.30 -11.04
C TYR A 130 5.91 21.15 -10.33
N PRO A 131 5.87 19.95 -10.88
CA PRO A 131 6.62 18.84 -10.36
C PRO A 131 8.08 18.97 -10.76
N MET A 132 8.91 18.20 -10.07
CA MET A 132 10.28 17.93 -10.53
C MET A 132 10.22 16.86 -11.63
N ILE A 133 11.20 16.87 -12.52
CA ILE A 133 11.35 15.84 -13.59
C ILE A 133 12.65 15.12 -13.35
N TYR A 134 12.60 13.80 -13.21
CA TYR A 134 13.77 12.93 -13.12
C TYR A 134 14.05 12.34 -14.47
N THR A 135 15.30 12.39 -14.87
CA THR A 135 15.74 11.77 -16.13
C THR A 135 17.24 11.54 -16.08
N GLY A 136 17.71 10.65 -16.92
CA GLY A 136 19.11 10.63 -17.33
C GLY A 136 19.31 11.50 -18.56
N TYR A 137 20.55 11.81 -18.87
CA TYR A 137 20.89 12.73 -19.96
C TYR A 137 20.47 12.11 -21.30
N TYR A 138 20.92 10.89 -21.57
CA TYR A 138 20.65 10.30 -22.90
C TYR A 138 19.17 9.98 -23.07
N TRP A 139 18.46 9.63 -22.00
CA TRP A 139 17.02 9.40 -22.08
C TRP A 139 16.36 10.68 -22.57
N TRP A 140 16.69 11.80 -21.93
CA TRP A 140 16.00 13.07 -22.30
C TRP A 140 16.35 13.44 -23.75
N VAL A 141 17.61 13.29 -24.12
CA VAL A 141 18.03 13.67 -25.47
C VAL A 141 17.23 12.84 -26.49
N GLU A 142 17.26 11.53 -26.39
CA GLU A 142 16.61 10.69 -27.43
C GLU A 142 15.09 10.78 -27.34
N CYS A 143 14.53 10.76 -26.15
CA CYS A 143 13.09 10.50 -26.00
C CYS A 143 12.28 11.79 -26.12
N THR A 144 12.88 12.95 -25.93
CA THR A 144 12.17 14.23 -26.02
C THR A 144 12.79 15.08 -27.16
N GLY A 145 13.87 14.63 -27.83
CA GLY A 145 14.57 15.54 -28.75
C GLY A 145 15.35 16.61 -28.02
N ASN A 146 15.73 16.34 -26.78
CA ASN A 146 16.44 17.28 -25.91
C ASN A 146 15.59 18.53 -25.70
N SER A 147 14.33 18.33 -25.44
CA SER A 147 13.38 19.41 -25.27
C SER A 147 13.77 20.38 -24.16
N ASN A 148 13.58 21.66 -24.42
CA ASN A 148 13.75 22.69 -23.41
C ASN A 148 12.43 23.18 -22.85
N LYS A 149 11.32 22.50 -23.15
CA LYS A 149 10.00 23.02 -22.78
C LYS A 149 9.80 23.21 -21.26
N PHE A 150 10.49 22.44 -20.45
CA PHE A 150 10.25 22.39 -18.98
C PHE A 150 11.36 23.09 -18.20
N ALA A 151 12.34 23.61 -18.90
CA ALA A 151 13.61 24.12 -18.30
C ALA A 151 13.37 25.32 -17.40
N THR A 152 12.29 26.07 -17.59
CA THR A 152 12.01 27.25 -16.77
C THR A 152 10.97 27.03 -15.69
N THR A 153 10.42 25.83 -15.61
CA THR A 153 9.27 25.55 -14.72
C THR A 153 9.48 24.36 -13.80
N CYS A 154 10.06 23.27 -14.27
CA CYS A 154 10.15 22.03 -13.51
C CYS A 154 11.55 21.77 -13.05
N PRO A 155 11.83 21.68 -11.74
CA PRO A 155 13.19 21.37 -11.30
C PRO A 155 13.68 20.04 -11.86
N LEU A 156 14.93 20.00 -12.30
CA LEU A 156 15.55 18.81 -12.88
C LEU A 156 16.19 17.96 -11.81
N VAL A 157 15.84 16.68 -11.78
CA VAL A 157 16.56 15.64 -11.00
C VAL A 157 17.31 14.80 -12.02
N LEU A 158 18.62 14.95 -12.08
CA LEU A 158 19.46 14.35 -13.11
C LEU A 158 20.19 13.13 -12.56
N ALA A 159 20.03 12.01 -13.24
CA ALA A 159 20.72 10.76 -12.85
C ALA A 159 21.99 10.63 -13.66
N ARG A 160 23.11 10.49 -13.01
CA ARG A 160 24.40 10.17 -13.66
C ARG A 160 25.31 9.56 -12.62
N TYR A 161 25.65 8.29 -12.79
CA TYR A 161 26.40 7.55 -11.77
C TYR A 161 27.88 7.68 -12.10
N SER A 162 28.45 8.81 -11.69
CA SER A 162 29.81 9.20 -12.03
C SER A 162 30.31 10.11 -10.92
N SER A 163 31.61 10.47 -10.98
CA SER A 163 32.20 11.44 -10.04
C SER A 163 31.77 12.87 -10.31
N SER A 164 31.18 13.12 -11.49
N SER A 164 31.18 13.15 -11.47
CA SER A 164 30.69 14.46 -11.91
CA SER A 164 30.64 14.51 -11.77
C SER A 164 29.31 14.34 -12.51
C SER A 164 29.32 14.36 -12.51
N VAL A 165 28.54 15.41 -12.47
CA VAL A 165 27.15 15.39 -12.94
C VAL A 165 27.11 15.32 -14.46
N GLY A 166 28.16 15.76 -15.15
CA GLY A 166 28.14 15.77 -16.61
C GLY A 166 27.28 16.84 -17.25
N GLU A 167 26.98 16.65 -18.51
CA GLU A 167 26.23 17.67 -19.28
C GLU A 167 24.78 17.74 -18.76
N ILE A 168 24.24 18.95 -18.76
CA ILE A 168 22.86 19.18 -18.33
C ILE A 168 21.98 19.15 -19.57
N PRO A 169 20.95 18.27 -19.61
CA PRO A 169 20.13 18.18 -20.79
C PRO A 169 19.08 19.31 -20.84
N GLY A 170 18.41 19.41 -21.98
CA GLY A 170 17.12 20.09 -22.07
C GLY A 170 17.21 21.58 -21.84
N GLY A 171 18.35 22.20 -21.95
CA GLY A 171 18.39 23.64 -21.70
C GLY A 171 18.15 24.02 -20.25
N TRP A 172 18.12 23.04 -19.36
CA TRP A 172 18.12 23.40 -17.89
C TRP A 172 19.40 24.10 -17.55
N GLY A 173 19.34 24.98 -16.61
CA GLY A 173 20.67 25.61 -16.34
C GLY A 173 21.63 24.65 -15.58
N TYR A 174 21.02 23.85 -14.79
CA TYR A 174 21.63 23.07 -13.72
C TYR A 174 20.57 22.08 -13.26
N GLN A 175 21.04 21.00 -12.66
CA GLN A 175 20.16 20.07 -11.94
C GLN A 175 19.87 20.63 -10.56
N THR A 176 18.66 20.48 -10.10
CA THR A 176 18.27 20.76 -8.72
C THR A 176 18.75 19.66 -7.79
N ILE A 177 18.62 18.43 -8.20
CA ILE A 177 19.08 17.24 -7.46
C ILE A 177 19.86 16.39 -8.44
N TRP A 178 20.94 15.79 -7.98
CA TRP A 178 21.74 14.79 -8.70
C TRP A 178 21.59 13.44 -8.03
N GLN A 179 21.14 12.45 -8.75
CA GLN A 179 21.13 11.04 -8.31
C GLN A 179 22.46 10.46 -8.78
N PHE A 180 23.37 10.22 -7.87
CA PHE A 180 24.79 9.93 -8.27
C PHE A 180 25.22 8.48 -8.04
N ASN A 181 24.38 7.65 -7.41
CA ASN A 181 24.62 6.19 -7.38
C ASN A 181 23.33 5.47 -6.96
N ASP A 182 23.35 4.16 -7.13
CA ASP A 182 22.20 3.30 -6.83
C ASP A 182 22.48 2.47 -5.59
N LYS A 183 23.34 2.97 -4.69
N LYS A 183 23.32 2.95 -4.66
CA LYS A 183 23.93 2.20 -3.54
CA LYS A 183 23.75 2.12 -3.51
C LYS A 183 23.90 3.02 -2.24
C LYS A 183 23.87 2.99 -2.25
N TYR A 184 22.82 3.73 -1.95
CA TYR A 184 22.77 4.47 -0.67
C TYR A 184 22.87 3.48 0.50
N ALA A 185 23.60 3.85 1.55
CA ALA A 185 23.91 2.90 2.65
C ALA A 185 22.65 2.32 3.32
N TYR A 186 21.60 3.11 3.47
CA TYR A 186 20.39 2.70 4.20
C TYR A 186 19.40 2.03 3.26
N GLY A 187 19.77 1.94 1.96
CA GLY A 187 18.92 1.39 0.93
C GLY A 187 18.56 2.45 -0.08
N GLY A 188 18.31 1.98 -1.30
CA GLY A 188 17.89 2.85 -2.39
C GLY A 188 19.06 3.57 -3.04
N ASP A 189 18.76 4.73 -3.64
CA ASP A 189 19.73 5.48 -4.47
C ASP A 189 20.18 6.71 -3.71
N SER A 190 21.39 7.17 -3.99
N SER A 190 21.41 7.16 -3.96
CA SER A 190 21.98 8.35 -3.33
CA SER A 190 21.95 8.36 -3.29
C SER A 190 21.65 9.59 -4.15
C SER A 190 21.67 9.60 -4.15
N ASP A 191 21.26 10.65 -3.47
CA ASP A 191 20.95 11.94 -4.09
C ASP A 191 21.72 13.08 -3.40
N SER A 192 21.93 14.15 -4.16
CA SER A 192 22.55 15.38 -3.63
C SER A 192 21.81 16.61 -4.17
N PHE A 193 21.32 17.42 -3.26
CA PHE A 193 20.67 18.66 -3.66
C PHE A 193 21.72 19.73 -3.93
N ASN A 194 21.48 20.49 -4.98
CA ASN A 194 22.39 21.56 -5.46
C ASN A 194 22.22 22.86 -4.68
N GLY A 195 22.99 22.97 -3.65
CA GLY A 195 22.90 24.11 -2.73
C GLY A 195 22.78 23.72 -1.28
N SER A 196 22.50 24.69 -0.48
CA SER A 196 22.56 24.52 0.99
C SER A 196 21.21 24.03 1.55
N LEU A 197 21.20 23.63 2.84
CA LEU A 197 19.96 23.21 3.46
C LEU A 197 18.93 24.36 3.46
N ASP A 198 19.39 25.60 3.60
CA ASP A 198 18.42 26.71 3.57
C ASP A 198 17.80 26.77 2.16
N ARG A 199 18.62 26.57 1.12
CA ARG A 199 18.06 26.61 -0.26
C ARG A 199 17.09 25.44 -0.46
N LEU A 200 17.38 24.27 0.10
CA LEU A 200 16.47 23.11 0.02
C LEU A 200 15.15 23.41 0.74
N LYS A 201 15.21 24.01 1.90
CA LYS A 201 13.99 24.41 2.65
C LYS A 201 13.14 25.36 1.81
N ALA A 202 13.78 26.29 1.10
CA ALA A 202 13.08 27.21 0.22
C ALA A 202 12.42 26.45 -0.93
N LEU A 203 13.09 25.48 -1.50
CA LEU A 203 12.46 24.61 -2.54
C LEU A 203 11.21 23.93 -1.98
N ALA A 204 11.30 23.36 -0.78
CA ALA A 204 10.14 22.66 -0.20
C ALA A 204 8.98 23.67 0.06
N LYS A 205 9.31 24.86 0.54
CA LYS A 205 8.27 25.84 0.90
C LYS A 205 7.62 26.41 -0.35
N GLY A 206 8.37 26.48 -1.46
CA GLY A 206 7.86 27.02 -2.72
C GLY A 206 7.91 28.54 -2.75
N THR A 207 8.70 29.09 -1.84
CA THR A 207 9.29 30.45 -1.94
C THR A 207 10.44 30.48 -2.98
N ALA B 1 -9.97 -31.84 9.50
CA ALA B 1 -9.59 -30.48 9.58
C ALA B 1 -8.49 -30.15 8.58
N VAL B 2 -8.37 -28.90 8.22
CA VAL B 2 -7.34 -28.46 7.26
C VAL B 2 -6.50 -27.40 7.93
N PRO B 3 -5.17 -27.53 7.96
CA PRO B 3 -4.32 -26.49 8.56
C PRO B 3 -4.23 -25.21 7.72
N GLY B 4 -4.13 -24.11 8.42
CA GLY B 4 -3.79 -22.83 7.83
C GLY B 4 -3.20 -21.90 8.87
N PHE B 5 -3.08 -20.63 8.50
CA PHE B 5 -2.44 -19.65 9.37
C PHE B 5 -2.89 -18.26 8.97
N ASP B 6 -2.52 -17.28 9.75
CA ASP B 6 -2.79 -15.86 9.44
C ASP B 6 -1.59 -15.01 9.80
N ILE B 7 -1.34 -14.02 8.94
CA ILE B 7 -0.11 -13.21 8.95
C ILE B 7 -0.44 -11.77 8.62
N SER B 8 0.54 -10.92 8.90
CA SER B 8 0.48 -9.47 8.64
C SER B 8 1.87 -8.93 8.47
N HIS B 9 2.00 -7.60 8.48
CA HIS B 9 3.36 -7.01 8.45
C HIS B 9 4.22 -7.44 9.64
N TYR B 10 3.64 -7.95 10.71
CA TYR B 10 4.40 -8.44 11.88
C TYR B 10 5.25 -9.66 11.51
N GLN B 11 4.97 -10.27 10.34
CA GLN B 11 5.81 -11.34 9.74
C GLN B 11 6.37 -10.81 8.42
N PRO B 12 7.49 -10.07 8.42
CA PRO B 12 8.00 -9.53 7.16
C PRO B 12 8.43 -10.59 6.13
N SER B 13 8.86 -11.75 6.60
CA SER B 13 9.45 -12.84 5.81
C SER B 13 8.71 -14.12 6.19
N VAL B 14 8.05 -14.74 5.23
CA VAL B 14 7.37 -16.00 5.45
C VAL B 14 7.76 -16.99 4.34
N ASN B 15 8.05 -18.24 4.73
CA ASN B 15 8.38 -19.33 3.78
C ASN B 15 7.06 -19.95 3.36
N TYR B 16 6.40 -19.32 2.39
CA TYR B 16 5.07 -19.78 1.93
C TYR B 16 5.12 -21.24 1.46
N ALA B 17 6.14 -21.58 0.67
CA ALA B 17 6.27 -22.93 0.11
C ALA B 17 6.52 -23.94 1.24
N GLY B 18 7.30 -23.56 2.24
CA GLY B 18 7.53 -24.46 3.38
C GLY B 18 6.25 -24.69 4.16
N ALA B 19 5.45 -23.64 4.34
CA ALA B 19 4.16 -23.80 5.01
C ALA B 19 3.28 -24.75 4.21
N TYR B 20 3.20 -24.55 2.91
CA TYR B 20 2.37 -25.48 2.09
C TYR B 20 2.91 -26.91 2.24
N ASN B 21 4.23 -27.06 2.12
CA ASN B 21 4.84 -28.41 2.18
C ASN B 21 4.55 -29.06 3.52
N SER B 22 4.41 -28.28 4.60
CA SER B 22 4.09 -28.81 5.93
C SER B 22 2.64 -29.24 6.07
N GLY B 23 1.81 -28.87 5.12
CA GLY B 23 0.38 -29.23 5.16
C GLY B 23 -0.56 -28.06 5.19
N ALA B 24 -0.07 -26.84 5.28
CA ALA B 24 -1.00 -25.69 5.28
C ALA B 24 -1.67 -25.61 3.93
N ARG B 25 -2.96 -25.29 3.91
CA ARG B 25 -3.68 -25.11 2.64
C ARG B 25 -4.31 -23.74 2.46
N PHE B 26 -4.34 -22.93 3.52
CA PHE B 26 -4.88 -21.57 3.38
C PHE B 26 -4.09 -20.63 4.30
N VAL B 27 -4.19 -19.37 3.94
CA VAL B 27 -3.60 -18.27 4.73
C VAL B 27 -4.52 -17.07 4.60
N ILE B 28 -4.67 -16.38 5.74
CA ILE B 28 -5.46 -15.13 5.84
C ILE B 28 -4.49 -14.02 6.14
N ILE B 29 -4.56 -12.94 5.38
CA ILE B 29 -3.47 -11.92 5.33
C ILE B 29 -4.03 -10.56 5.66
N LYS B 30 -3.40 -9.84 6.57
CA LYS B 30 -3.95 -8.50 6.91
C LYS B 30 -3.82 -7.62 5.67
N ALA B 31 -4.93 -6.99 5.31
CA ALA B 31 -4.99 -6.02 4.20
C ALA B 31 -5.08 -4.58 4.70
N THR B 32 -6.02 -4.29 5.56
CA THR B 32 -6.44 -2.94 5.90
C THR B 32 -6.81 -2.83 7.39
N GLU B 33 -6.76 -1.57 7.86
CA GLU B 33 -7.30 -1.21 9.17
C GLU B 33 -7.95 0.15 9.06
N GLY B 34 -9.15 0.25 9.64
CA GLY B 34 -9.88 1.51 9.57
C GLY B 34 -10.11 1.97 8.15
N THR B 35 -10.07 3.29 7.90
CA THR B 35 -10.27 3.78 6.49
C THR B 35 -8.99 4.30 5.89
N THR B 36 -7.87 4.18 6.59
CA THR B 36 -6.61 4.83 6.15
C THR B 36 -5.42 3.90 6.06
N TYR B 37 -5.40 2.78 6.68
CA TYR B 37 -4.17 1.99 6.80
C TYR B 37 -4.23 0.80 5.83
N THR B 38 -3.20 0.65 5.01
CA THR B 38 -2.95 -0.59 4.26
C THR B 38 -1.69 -1.26 4.79
N ASP B 39 -1.72 -2.57 4.96
CA ASP B 39 -0.58 -3.33 5.47
C ASP B 39 0.51 -3.37 4.41
N PRO B 40 1.73 -2.92 4.70
CA PRO B 40 2.75 -2.82 3.65
C PRO B 40 3.29 -4.13 3.10
N VAL B 41 2.96 -5.23 3.76
CA VAL B 41 3.45 -6.56 3.39
C VAL B 41 2.29 -7.36 2.72
N PHE B 42 1.08 -6.84 2.69
CA PHE B 42 -0.10 -7.56 2.16
C PHE B 42 0.25 -8.14 0.78
N SER B 43 0.69 -7.32 -0.17
N SER B 43 0.70 -7.33 -0.15
CA SER B 43 0.89 -7.79 -1.57
CA SER B 43 0.87 -7.83 -1.53
C SER B 43 1.97 -8.87 -1.61
C SER B 43 2.06 -8.81 -1.61
N THR B 44 3.04 -8.70 -0.84
N THR B 44 3.10 -8.67 -0.78
CA THR B 44 4.12 -9.70 -0.80
CA THR B 44 4.18 -9.67 -0.68
C THR B 44 3.54 -11.01 -0.30
C THR B 44 3.56 -11.02 -0.28
N HIS B 45 2.78 -10.98 0.77
CA HIS B 45 2.16 -12.21 1.30
C HIS B 45 1.18 -12.82 0.28
N TYR B 46 0.34 -11.98 -0.31
CA TYR B 46 -0.74 -12.50 -1.18
C TYR B 46 -0.11 -13.14 -2.43
N THR B 47 0.92 -12.49 -2.99
CA THR B 47 1.65 -13.00 -4.17
C THR B 47 2.37 -14.28 -3.82
N GLY B 48 3.06 -14.29 -2.71
CA GLY B 48 3.83 -15.49 -2.34
C GLY B 48 2.91 -16.64 -1.99
N ALA B 49 1.78 -16.38 -1.36
CA ALA B 49 0.80 -17.42 -1.05
C ALA B 49 0.26 -18.01 -2.33
N THR B 50 -0.04 -17.13 -3.29
CA THR B 50 -0.62 -17.58 -4.57
C THR B 50 0.34 -18.56 -5.22
N LYS B 51 1.59 -18.18 -5.37
CA LYS B 51 2.56 -18.99 -6.10
C LYS B 51 2.80 -20.33 -5.42
N ALA B 52 2.73 -20.34 -4.09
CA ALA B 52 2.95 -21.55 -3.29
C ALA B 52 1.73 -22.49 -3.31
N GLY B 53 0.62 -22.08 -3.88
CA GLY B 53 -0.57 -22.94 -3.94
C GLY B 53 -1.49 -22.85 -2.75
N LEU B 54 -1.27 -21.87 -1.88
CA LEU B 54 -2.20 -21.64 -0.75
C LEU B 54 -3.46 -20.95 -1.23
N ILE B 55 -4.60 -21.40 -0.73
CA ILE B 55 -5.83 -20.62 -0.81
C ILE B 55 -5.59 -19.39 0.10
N ARG B 56 -6.12 -18.22 -0.26
CA ARG B 56 -5.77 -17.03 0.50
C ARG B 56 -6.92 -16.05 0.50
N GLY B 57 -6.93 -15.23 1.52
CA GLY B 57 -7.84 -14.10 1.58
C GLY B 57 -7.24 -13.02 2.44
N GLY B 58 -7.86 -11.84 2.36
CA GLY B 58 -7.47 -10.71 3.20
C GLY B 58 -8.33 -10.58 4.42
N TYR B 59 -7.86 -9.79 5.38
CA TYR B 59 -8.68 -9.41 6.51
C TYR B 59 -8.55 -7.91 6.77
N HIS B 60 -9.63 -7.40 7.36
CA HIS B 60 -9.80 -5.98 7.72
C HIS B 60 -9.93 -5.85 9.23
N PHE B 61 -9.02 -5.11 9.84
CA PHE B 61 -9.07 -4.78 11.28
C PHE B 61 -10.07 -3.63 11.47
N ALA B 62 -11.22 -3.95 12.02
CA ALA B 62 -12.32 -2.98 12.18
C ALA B 62 -11.94 -1.89 13.16
N ARG B 63 -12.33 -0.66 12.83
N ARG B 63 -12.34 -0.66 12.80
CA ARG B 63 -12.24 0.48 13.78
CA ARG B 63 -12.26 0.49 13.73
C ARG B 63 -13.61 1.15 13.84
C ARG B 63 -13.63 1.13 13.81
N PRO B 64 -14.58 0.55 14.57
CA PRO B 64 -15.95 1.02 14.46
C PRO B 64 -16.25 2.44 14.89
N ALA B 65 -15.37 3.03 15.67
CA ALA B 65 -15.64 4.41 16.13
C ALA B 65 -15.26 5.43 15.06
N SER B 66 -14.51 5.00 14.05
N SER B 66 -14.47 5.07 14.05
CA SER B 66 -13.77 5.92 13.15
CA SER B 66 -13.82 6.08 13.17
C SER B 66 -14.57 6.25 11.89
C SER B 66 -14.54 6.26 11.82
N SER B 67 -15.48 5.41 11.46
CA SER B 67 -16.24 5.59 10.19
C SER B 67 -17.38 4.61 10.19
N SER B 68 -18.25 4.72 9.19
CA SER B 68 -19.32 3.73 9.02
C SER B 68 -18.71 2.37 8.65
N GLY B 69 -19.50 1.34 8.85
CA GLY B 69 -19.11 -0.02 8.44
C GLY B 69 -19.00 -0.07 6.92
N SER B 70 -19.88 0.59 6.21
N SER B 70 -19.94 0.57 6.20
CA SER B 70 -19.81 0.49 4.75
CA SER B 70 -19.92 0.65 4.72
C SER B 70 -18.58 1.22 4.22
C SER B 70 -18.59 1.22 4.24
N ALA B 71 -18.17 2.31 4.84
CA ALA B 71 -16.91 2.98 4.42
C ALA B 71 -15.71 2.04 4.58
N GLN B 72 -15.69 1.25 5.65
CA GLN B 72 -14.55 0.31 5.86
C GLN B 72 -14.64 -0.84 4.90
N ALA B 73 -15.83 -1.33 4.60
CA ALA B 73 -15.96 -2.40 3.59
C ALA B 73 -15.46 -1.92 2.25
N ASP B 74 -15.77 -0.67 1.86
N ASP B 74 -15.76 -0.68 1.85
CA ASP B 74 -15.27 -0.10 0.58
CA ASP B 74 -15.26 -0.14 0.57
C ASP B 74 -13.74 -0.11 0.56
C ASP B 74 -13.73 -0.13 0.58
N PHE B 75 -13.13 0.36 1.64
CA PHE B 75 -11.67 0.53 1.72
C PHE B 75 -11.01 -0.85 1.68
N PHE B 76 -11.53 -1.79 2.45
CA PHE B 76 -11.01 -3.19 2.43
C PHE B 76 -11.14 -3.77 1.03
N PHE B 77 -12.32 -3.66 0.43
CA PHE B 77 -12.56 -4.25 -0.89
C PHE B 77 -11.58 -3.76 -1.95
N LYS B 78 -11.29 -2.49 -1.90
CA LYS B 78 -10.38 -1.85 -2.87
C LYS B 78 -8.92 -2.16 -2.62
N ASN B 79 -8.57 -2.66 -1.46
CA ASN B 79 -7.15 -2.78 -1.00
C ASN B 79 -6.85 -4.21 -0.52
N GLY B 80 -7.42 -5.22 -1.12
CA GLY B 80 -7.01 -6.62 -0.84
C GLY B 80 -8.18 -7.53 -0.48
N GLY B 81 -9.38 -6.98 -0.25
CA GLY B 81 -10.58 -7.73 0.09
C GLY B 81 -11.36 -8.21 -1.09
N GLY B 82 -10.90 -8.04 -2.31
CA GLY B 82 -11.63 -8.60 -3.47
C GLY B 82 -11.85 -10.08 -3.39
N TRP B 83 -12.89 -10.51 -4.03
CA TRP B 83 -13.20 -11.95 -4.18
C TRP B 83 -13.72 -12.26 -5.57
N SER B 84 -13.24 -13.38 -6.07
CA SER B 84 -13.73 -14.02 -7.32
C SER B 84 -13.80 -15.51 -7.06
N ALA B 85 -14.59 -16.15 -7.89
CA ALA B 85 -14.79 -17.60 -7.87
C ALA B 85 -13.66 -18.31 -8.61
N ASP B 86 -12.43 -17.85 -8.48
CA ASP B 86 -11.30 -18.48 -9.16
C ASP B 86 -10.92 -19.82 -8.52
N GLY B 87 -11.38 -20.07 -7.30
CA GLY B 87 -11.09 -21.32 -6.59
C GLY B 87 -10.01 -21.23 -5.56
N ILE B 88 -9.31 -20.09 -5.48
CA ILE B 88 -8.17 -19.93 -4.56
C ILE B 88 -8.40 -18.74 -3.63
N THR B 89 -9.58 -18.18 -3.56
CA THR B 89 -9.78 -16.95 -2.79
C THR B 89 -10.83 -17.16 -1.69
N LEU B 90 -10.43 -16.90 -0.47
CA LEU B 90 -11.42 -16.92 0.62
C LEU B 90 -12.23 -15.65 0.60
N PRO B 91 -13.51 -15.65 1.03
N PRO B 91 -13.46 -15.69 1.12
CA PRO B 91 -14.15 -14.37 1.32
CA PRO B 91 -14.18 -14.44 1.34
C PRO B 91 -13.30 -13.61 2.35
C PRO B 91 -13.38 -13.62 2.38
N GLY B 92 -13.35 -12.29 2.20
CA GLY B 92 -12.67 -11.44 3.12
C GLY B 92 -13.17 -11.57 4.53
N MET B 93 -12.28 -11.35 5.47
CA MET B 93 -12.54 -11.59 6.91
C MET B 93 -12.58 -10.22 7.64
N LEU B 94 -13.66 -10.02 8.36
CA LEU B 94 -13.83 -8.86 9.24
C LEU B 94 -13.28 -9.22 10.61
N ASP B 95 -12.21 -8.54 11.04
N ASP B 95 -12.25 -8.51 11.07
CA ASP B 95 -11.51 -8.81 12.31
CA ASP B 95 -11.45 -8.82 12.28
C ASP B 95 -12.01 -7.85 13.39
C ASP B 95 -11.87 -7.89 13.42
N MET B 96 -12.81 -8.38 14.33
N MET B 96 -12.72 -8.42 14.31
CA MET B 96 -13.28 -7.57 15.47
CA MET B 96 -13.18 -7.69 15.51
C MET B 96 -12.33 -7.78 16.67
C MET B 96 -12.13 -7.82 16.61
N GLU B 97 -11.75 -6.69 17.18
CA GLU B 97 -10.68 -6.66 18.18
C GLU B 97 -11.12 -5.77 19.33
N TYR B 98 -10.50 -5.97 20.47
CA TYR B 98 -10.66 -5.04 21.58
C TYR B 98 -10.17 -3.66 21.12
N GLY B 99 -10.86 -2.63 21.61
CA GLY B 99 -10.47 -1.26 21.31
C GLY B 99 -9.28 -0.80 22.13
N SER B 100 -8.70 0.33 21.73
CA SER B 100 -7.49 0.92 22.35
C SER B 100 -7.80 1.40 23.76
N THR B 101 -9.00 1.93 24.00
CA THR B 101 -9.40 2.42 25.35
C THR B 101 -10.53 1.62 25.99
N SER B 102 -11.36 0.95 25.21
CA SER B 102 -12.41 0.11 25.81
C SER B 102 -12.69 -1.05 24.88
N SER B 103 -13.22 -2.10 25.46
CA SER B 103 -13.36 -3.37 24.73
C SER B 103 -14.17 -3.16 23.46
N CYS B 104 -15.27 -2.43 23.59
CA CYS B 104 -16.27 -2.33 22.53
C CYS B 104 -16.21 -0.99 21.78
N HIS B 105 -15.12 -0.27 21.92
CA HIS B 105 -14.83 0.95 21.12
C HIS B 105 -15.79 2.08 21.47
N GLY B 106 -16.48 1.98 22.61
CA GLY B 106 -17.46 2.96 23.09
C GLY B 106 -18.81 2.85 22.41
N LEU B 107 -19.06 1.80 21.62
CA LEU B 107 -20.36 1.56 20.95
C LEU B 107 -21.24 0.74 21.87
N SER B 108 -22.52 1.05 21.84
CA SER B 108 -23.52 0.15 22.45
C SER B 108 -23.57 -1.17 21.70
N GLN B 109 -24.19 -2.17 22.30
CA GLN B 109 -24.32 -3.46 21.62
C GLN B 109 -25.11 -3.27 20.33
N THR B 110 -26.22 -2.56 20.37
N THR B 110 -26.21 -2.55 20.38
CA THR B 110 -27.05 -2.35 19.16
CA THR B 110 -27.06 -2.29 19.19
C THR B 110 -26.23 -1.57 18.12
C THR B 110 -26.23 -1.57 18.12
N ALA B 111 -25.48 -0.56 18.52
CA ALA B 111 -24.66 0.22 17.58
C ALA B 111 -23.58 -0.67 16.97
N MET B 112 -22.99 -1.54 17.76
CA MET B 112 -21.94 -2.43 17.22
C MET B 112 -22.60 -3.39 16.21
N VAL B 113 -23.75 -3.97 16.50
CA VAL B 113 -24.43 -4.87 15.56
C VAL B 113 -24.73 -4.09 14.30
N ASN B 114 -25.24 -2.89 14.44
CA ASN B 114 -25.59 -2.08 13.24
C ASN B 114 -24.33 -1.80 12.39
N TRP B 115 -23.20 -1.52 13.05
CA TRP B 115 -21.93 -1.23 12.36
C TRP B 115 -21.51 -2.49 11.58
N ILE B 116 -21.48 -3.62 12.26
CA ILE B 116 -21.10 -4.90 11.61
C ILE B 116 -22.05 -5.17 10.42
N SER B 117 -23.36 -4.97 10.62
N SER B 117 -23.34 -4.96 10.61
CA SER B 117 -24.36 -5.20 9.55
CA SER B 117 -24.34 -5.15 9.53
C SER B 117 -24.02 -4.34 8.36
C SER B 117 -23.96 -4.26 8.34
N ASP B 118 -23.70 -3.08 8.57
N ASP B 118 -23.66 -3.01 8.60
CA ASP B 118 -23.38 -2.15 7.47
CA ASP B 118 -23.33 -2.05 7.53
C ASP B 118 -22.15 -2.67 6.71
C ASP B 118 -22.09 -2.54 6.74
N PHE B 119 -21.11 -3.08 7.44
CA PHE B 119 -19.92 -3.64 6.79
C PHE B 119 -20.28 -4.90 5.99
N VAL B 120 -20.98 -5.82 6.65
CA VAL B 120 -21.32 -7.11 6.04
C VAL B 120 -22.14 -6.92 4.75
N ASN B 121 -23.14 -6.06 4.83
CA ASN B 121 -24.03 -5.87 3.67
C ASN B 121 -23.27 -5.21 2.53
N ARG B 122 -22.42 -4.23 2.84
CA ARG B 122 -21.68 -3.57 1.77
C ARG B 122 -20.69 -4.55 1.15
N TYR B 123 -20.01 -5.34 1.96
CA TYR B 123 -19.05 -6.34 1.43
C TYR B 123 -19.78 -7.35 0.54
N LYS B 124 -20.96 -7.81 0.96
CA LYS B 124 -21.78 -8.71 0.11
C LYS B 124 -22.12 -8.04 -1.21
N THR B 125 -22.57 -6.81 -1.17
CA THR B 125 -22.90 -6.10 -2.41
C THR B 125 -21.66 -6.02 -3.31
N LEU B 126 -20.50 -5.63 -2.76
CA LEU B 126 -19.30 -5.40 -3.62
C LEU B 126 -18.74 -6.69 -4.15
N SER B 127 -18.67 -7.71 -3.31
CA SER B 127 -17.88 -8.92 -3.63
C SER B 127 -18.77 -10.05 -4.17
N GLY B 128 -20.06 -10.08 -3.79
CA GLY B 128 -20.93 -11.24 -4.06
C GLY B 128 -20.91 -12.27 -2.94
N ARG B 129 -20.12 -12.06 -1.88
CA ARG B 129 -19.98 -13.06 -0.80
C ARG B 129 -20.21 -12.32 0.51
N TYR B 130 -20.82 -12.97 1.48
CA TYR B 130 -20.72 -12.49 2.87
C TYR B 130 -19.29 -12.69 3.37
N PRO B 131 -18.77 -11.72 4.15
CA PRO B 131 -17.45 -11.90 4.72
C PRO B 131 -17.51 -12.93 5.84
N MET B 132 -16.32 -13.44 6.16
CA MET B 132 -16.14 -14.18 7.39
C MET B 132 -16.05 -13.16 8.53
N ILE B 133 -16.40 -13.55 9.73
CA ILE B 133 -16.26 -12.69 10.93
C ILE B 133 -15.34 -13.36 11.91
N TYR B 134 -14.26 -12.70 12.29
CA TYR B 134 -13.32 -13.16 13.33
C TYR B 134 -13.66 -12.49 14.65
N THR B 135 -13.75 -13.30 15.65
CA THR B 135 -13.98 -12.84 17.01
C THR B 135 -13.48 -13.86 18.01
N GLY B 136 -13.17 -13.37 19.22
CA GLY B 136 -13.12 -14.20 20.42
C GLY B 136 -14.49 -14.33 21.02
N TYR B 137 -14.67 -15.34 21.84
CA TYR B 137 -16.00 -15.62 22.46
C TYR B 137 -16.47 -14.45 23.30
N TYR B 138 -15.63 -13.99 24.24
CA TYR B 138 -16.09 -12.98 25.18
C TYR B 138 -16.26 -11.62 24.49
N TRP B 139 -15.46 -11.32 23.48
CA TRP B 139 -15.66 -10.10 22.69
C TRP B 139 -17.06 -10.10 22.10
N TRP B 140 -17.42 -11.21 21.45
CA TRP B 140 -18.74 -11.26 20.78
C TRP B 140 -19.86 -11.12 21.81
N VAL B 141 -19.73 -11.85 22.93
CA VAL B 141 -20.77 -11.84 23.95
C VAL B 141 -20.96 -10.40 24.46
N GLU B 142 -19.89 -9.75 24.95
CA GLU B 142 -20.06 -8.43 25.58
C GLU B 142 -20.36 -7.34 24.53
N CYS B 143 -19.70 -7.38 23.38
CA CYS B 143 -19.75 -6.20 22.48
C CYS B 143 -20.94 -6.24 21.55
N THR B 144 -21.55 -7.40 21.34
CA THR B 144 -22.75 -7.53 20.47
C THR B 144 -23.99 -7.98 21.25
N GLY B 145 -23.88 -8.29 22.55
CA GLY B 145 -24.98 -8.95 23.26
C GLY B 145 -25.18 -10.39 22.84
N ASN B 146 -24.11 -11.01 22.36
CA ASN B 146 -24.15 -12.38 21.83
C ASN B 146 -25.12 -12.47 20.66
N SER B 147 -25.00 -11.53 19.75
CA SER B 147 -25.94 -11.43 18.63
C SER B 147 -25.92 -12.65 17.74
N ASN B 148 -27.09 -13.10 17.32
CA ASN B 148 -27.19 -14.16 16.31
C ASN B 148 -27.46 -13.63 14.92
N LYS B 149 -27.31 -12.36 14.67
CA LYS B 149 -27.73 -11.74 13.40
C LYS B 149 -27.00 -12.28 12.18
N PHE B 150 -25.78 -12.73 12.34
CA PHE B 150 -24.85 -13.10 11.23
C PHE B 150 -24.69 -14.63 11.12
N ALA B 151 -25.34 -15.38 12.01
CA ALA B 151 -25.11 -16.84 12.19
C ALA B 151 -25.48 -17.64 10.94
N THR B 152 -26.40 -17.17 10.10
CA THR B 152 -26.79 -17.94 8.89
C THR B 152 -26.13 -17.45 7.62
N THR B 153 -25.29 -16.43 7.72
CA THR B 153 -24.73 -15.80 6.51
C THR B 153 -23.22 -15.72 6.52
N CYS B 154 -22.61 -15.39 7.65
CA CYS B 154 -21.17 -15.04 7.65
C CYS B 154 -20.44 -16.19 8.29
N PRO B 155 -19.48 -16.86 7.65
CA PRO B 155 -18.72 -17.90 8.36
C PRO B 155 -17.96 -17.34 9.58
N LEU B 156 -17.99 -18.07 10.70
CA LEU B 156 -17.33 -17.67 11.94
C LEU B 156 -15.90 -18.15 11.96
N VAL B 157 -14.98 -17.23 12.27
CA VAL B 157 -13.58 -17.54 12.60
C VAL B 157 -13.42 -17.25 14.09
N LEU B 158 -13.34 -18.32 14.87
CA LEU B 158 -13.38 -18.20 16.34
C LEU B 158 -11.98 -18.34 16.92
N ALA B 159 -11.57 -17.34 17.70
CA ALA B 159 -10.26 -17.36 18.36
C ALA B 159 -10.43 -17.95 19.76
N ARG B 160 -9.74 -19.04 20.03
CA ARG B 160 -9.66 -19.59 21.41
C ARG B 160 -8.40 -20.40 21.52
N TYR B 161 -7.46 -19.96 22.35
CA TYR B 161 -6.13 -20.59 22.41
C TYR B 161 -6.14 -21.66 23.52
N SER B 162 -6.64 -22.82 23.18
CA SER B 162 -6.94 -23.92 24.09
C SER B 162 -6.90 -25.21 23.29
N SER B 163 -6.93 -26.34 23.98
CA SER B 163 -6.96 -27.68 23.34
C SER B 163 -8.31 -27.97 22.73
N SER B 164 -9.35 -27.19 23.08
CA SER B 164 -10.70 -27.35 22.45
C SER B 164 -11.28 -25.98 22.12
N VAL B 165 -12.20 -25.98 21.17
CA VAL B 165 -12.73 -24.72 20.66
C VAL B 165 -13.64 -24.04 21.68
N GLY B 166 -14.24 -24.78 22.61
CA GLY B 166 -15.11 -24.17 23.61
C GLY B 166 -16.50 -23.82 23.03
N GLU B 167 -17.22 -23.02 23.77
CA GLU B 167 -18.58 -22.65 23.39
C GLU B 167 -18.54 -21.81 22.12
N ILE B 168 -19.54 -22.03 21.28
CA ILE B 168 -19.67 -21.26 20.02
C ILE B 168 -20.58 -20.08 20.33
N PRO B 169 -20.11 -18.85 20.07
CA PRO B 169 -20.90 -17.66 20.39
C PRO B 169 -21.95 -17.42 19.30
N GLY B 170 -22.90 -16.56 19.58
CA GLY B 170 -23.66 -15.89 18.53
C GLY B 170 -24.65 -16.81 17.87
N GLY B 171 -25.01 -17.94 18.45
CA GLY B 171 -25.93 -18.85 17.77
C GLY B 171 -25.37 -19.39 16.47
N TRP B 172 -24.09 -19.26 16.23
CA TRP B 172 -23.48 -19.97 15.06
C TRP B 172 -23.56 -21.45 15.31
N GLY B 173 -23.65 -22.23 14.29
CA GLY B 173 -23.73 -23.68 14.71
C GLY B 173 -22.36 -24.21 15.20
N TYR B 174 -21.38 -23.64 14.61
CA TYR B 174 -19.99 -24.15 14.60
C TYR B 174 -19.14 -23.03 14.04
N GLN B 175 -17.86 -23.08 14.37
CA GLN B 175 -16.85 -22.21 13.72
C GLN B 175 -16.50 -22.85 12.37
N THR B 176 -16.33 -22.00 11.38
CA THR B 176 -15.78 -22.41 10.10
C THR B 176 -14.26 -22.56 10.19
N ILE B 177 -13.60 -21.64 10.88
CA ILE B 177 -12.15 -21.67 11.13
C ILE B 177 -11.96 -21.42 12.62
N TRP B 178 -11.02 -22.15 13.21
CA TRP B 178 -10.61 -21.97 14.58
C TRP B 178 -9.18 -21.43 14.61
N GLN B 179 -8.98 -20.26 15.22
CA GLN B 179 -7.61 -19.73 15.46
C GLN B 179 -7.23 -20.27 16.83
N PHE B 180 -6.35 -21.24 16.90
CA PHE B 180 -6.09 -21.99 18.14
C PHE B 180 -4.80 -21.64 18.84
N ASN B 181 -3.87 -20.90 18.21
CA ASN B 181 -2.71 -20.38 18.94
C ASN B 181 -2.16 -19.19 18.16
N ASP B 182 -1.25 -18.48 18.79
CA ASP B 182 -0.57 -17.30 18.22
C ASP B 182 0.87 -17.62 17.90
N LYS B 183 1.18 -18.88 17.61
N LYS B 183 1.17 -18.87 17.58
CA LYS B 183 2.55 -19.44 17.51
CA LYS B 183 2.56 -19.34 17.44
C LYS B 183 2.70 -20.33 16.27
C LYS B 183 2.64 -20.35 16.29
N TYR B 184 2.12 -19.99 15.12
CA TYR B 184 2.31 -20.86 13.93
C TYR B 184 3.80 -20.95 13.59
N ALA B 185 4.29 -22.13 13.25
CA ALA B 185 5.75 -22.36 13.15
C ALA B 185 6.38 -21.41 12.13
N TYR B 186 5.70 -21.10 11.02
CA TYR B 186 6.29 -20.27 9.95
C TYR B 186 6.01 -18.80 10.16
N GLY B 187 5.36 -18.45 11.25
CA GLY B 187 5.05 -17.07 11.60
C GLY B 187 3.55 -16.85 11.71
N GLY B 188 3.14 -15.94 12.59
CA GLY B 188 1.72 -15.61 12.72
C GLY B 188 0.97 -16.57 13.59
N ASP B 189 -0.33 -16.63 13.37
CA ASP B 189 -1.25 -17.41 14.22
C ASP B 189 -1.65 -18.70 13.48
N SER B 190 -1.98 -19.73 14.25
N SER B 190 -1.97 -19.73 14.25
CA SER B 190 -2.38 -21.04 13.69
CA SER B 190 -2.40 -21.04 13.72
C SER B 190 -3.88 -21.09 13.55
C SER B 190 -3.92 -21.01 13.52
N ASP B 191 -4.34 -21.58 12.42
CA ASP B 191 -5.77 -21.74 12.10
C ASP B 191 -6.01 -23.19 11.67
N SER B 192 -7.24 -23.61 11.89
CA SER B 192 -7.74 -24.90 11.43
C SER B 192 -9.14 -24.76 10.85
N PHE B 193 -9.28 -25.15 9.59
CA PHE B 193 -10.60 -25.14 8.93
C PHE B 193 -11.40 -26.37 9.35
N ASN B 194 -12.68 -26.16 9.57
CA ASN B 194 -13.61 -27.18 10.07
C ASN B 194 -14.15 -28.03 8.89
N GLY B 195 -13.45 -29.10 8.62
CA GLY B 195 -13.80 -29.95 7.50
C GLY B 195 -12.59 -30.33 6.66
N SER B 196 -12.89 -30.90 5.52
CA SER B 196 -11.86 -31.44 4.60
C SER B 196 -11.38 -30.36 3.62
N LEU B 197 -10.33 -30.67 2.90
CA LEU B 197 -9.84 -29.77 1.82
C LEU B 197 -10.91 -29.57 0.76
N ASP B 198 -11.68 -30.61 0.44
CA ASP B 198 -12.76 -30.38 -0.54
C ASP B 198 -13.77 -29.38 0.00
N ARG B 199 -14.09 -29.47 1.30
CA ARG B 199 -15.05 -28.53 1.87
C ARG B 199 -14.45 -27.11 1.87
N LEU B 200 -13.17 -26.98 2.14
CA LEU B 200 -12.50 -25.66 2.10
C LEU B 200 -12.52 -25.08 0.67
N LYS B 201 -12.27 -25.91 -0.33
CA LYS B 201 -12.32 -25.48 -1.75
C LYS B 201 -13.73 -24.99 -2.04
N ALA B 202 -14.76 -25.64 -1.52
CA ALA B 202 -16.16 -25.21 -1.78
C ALA B 202 -16.40 -23.85 -1.12
N LEU B 203 -15.83 -23.63 0.07
CA LEU B 203 -15.99 -22.31 0.74
C LEU B 203 -15.34 -21.24 -0.14
N ALA B 204 -14.14 -21.51 -0.67
CA ALA B 204 -13.44 -20.54 -1.53
C ALA B 204 -14.28 -20.25 -2.78
N LYS B 205 -14.77 -21.29 -3.45
CA LYS B 205 -15.42 -21.17 -4.76
C LYS B 205 -16.78 -20.51 -4.59
N GLY B 206 -17.45 -20.73 -3.47
CA GLY B 206 -18.82 -20.24 -3.24
C GLY B 206 -19.85 -21.07 -3.97
N THR B 207 -19.46 -22.27 -4.42
CA THR B 207 -20.26 -23.29 -5.15
C THR B 207 -19.87 -24.63 -4.53
#